data_6C9Q
#
_entry.id   6C9Q
#
_cell.length_a   71.904
_cell.length_b   71.904
_cell.length_c   110.256
_cell.angle_alpha   90.00
_cell.angle_beta   90.00
_cell.angle_gamma   120.00
#
_symmetry.space_group_name_H-M   'P 31 2 1'
#
loop_
_entity.id
_entity.type
_entity.pdbx_description
1 polymer 'Adenosine kinase'
2 non-polymer "5'-amino-5'-deoxyadenosine"
3 water water
#
_entity_poly.entity_id   1
_entity_poly.type   'polypeptide(L)'
_entity_poly.pdbx_seq_one_letter_code
;DLYFQSHMTIAVTGSIATDHLMRFPGRFSEQLLPEHLHKVSLSFLVDDLVMHRGGVAGNMAFAIGVLGGEVALVGAAGAD
FADYRDWLKARGVNCDHVLISETAHTARFTCTTDVDMAQIASFYPGAMSEARNIKLADVVSAIGKPELVIIGANDPEAMF
LHTEECRKLGLAFAADPSQQLARLSGEEIRRLVNGAAYLFTNDYEWDLLLSKTGWSEADVMAQIDLRVTTLGPKGVDLVE
PDGTTIHVGVVPETSQTDPTGVGDAFRAGFLTGRSAGLGLERSAQLGSLVAVLVLESTGTQEWQWDYEAAASRLAGAYGE
HAAAEIVAVLA
;
_entity_poly.pdbx_strand_id   A
#
loop_
_chem_comp.id
_chem_comp.type
_chem_comp.name
_chem_comp.formula
5N5 non-polymer 5'-amino-5'-deoxyadenosine 'C10 H14 N6 O3'
#
# COMPACT_ATOMS: atom_id res chain seq x y z
N ASP A 1 -17.34 -13.98 15.20
CA ASP A 1 -18.24 -12.97 14.56
C ASP A 1 -19.25 -13.66 13.62
N LEU A 2 -20.50 -13.74 14.08
CA LEU A 2 -21.55 -14.48 13.39
C LEU A 2 -22.22 -13.68 12.27
N TYR A 3 -21.75 -12.48 11.96
CA TYR A 3 -22.38 -11.67 10.92
C TYR A 3 -22.05 -12.21 9.53
N PHE A 4 -22.86 -11.80 8.55
CA PHE A 4 -22.76 -12.39 7.23
C PHE A 4 -21.49 -11.92 6.52
N GLN A 5 -21.05 -12.74 5.58
CA GLN A 5 -19.81 -12.52 4.86
C GLN A 5 -20.05 -11.64 3.64
N SER A 6 -19.10 -10.74 3.38
CA SER A 6 -19.10 -10.05 2.09
C SER A 6 -18.56 -11.01 1.05
N HIS A 7 -19.01 -10.87 -0.19
CA HIS A 7 -18.49 -11.77 -1.22
C HIS A 7 -17.09 -11.27 -1.57
N MET A 8 -16.07 -11.94 -1.02
CA MET A 8 -14.65 -11.78 -1.38
C MET A 8 -14.17 -10.33 -1.32
N THR A 9 -14.72 -9.50 -0.42
CA THR A 9 -14.40 -8.08 -0.41
C THR A 9 -13.19 -7.79 0.47
N ILE A 10 -12.31 -6.92 -0.02
CA ILE A 10 -11.22 -6.36 0.76
C ILE A 10 -11.64 -4.96 1.14
N ALA A 11 -11.54 -4.60 2.41
CA ALA A 11 -11.74 -3.22 2.83
C ALA A 11 -10.37 -2.57 2.97
N VAL A 12 -10.17 -1.50 2.22
CA VAL A 12 -8.90 -0.78 2.18
C VAL A 12 -9.03 0.49 3.03
N THR A 13 -8.32 0.55 4.16
CA THR A 13 -8.27 1.77 4.97
C THR A 13 -6.91 2.42 4.80
N GLY A 14 -6.91 3.74 4.81
CA GLY A 14 -5.69 4.50 4.62
C GLY A 14 -5.98 5.80 3.95
N SER A 15 -4.90 6.44 3.47
CA SER A 15 -4.97 7.80 3.00
C SER A 15 -5.59 7.91 1.62
N ILE A 16 -6.24 9.05 1.41
CA ILE A 16 -6.83 9.51 0.16
C ILE A 16 -6.27 10.90 -0.06
N ALA A 17 -5.57 11.11 -1.18
CA ALA A 17 -4.77 12.33 -1.31
C ALA A 17 -4.69 12.78 -2.77
N THR A 18 -4.22 14.01 -2.93
CA THR A 18 -3.65 14.49 -4.18
C THR A 18 -2.12 14.48 -4.04
N ASP A 19 -1.44 13.88 -5.02
CA ASP A 19 0.00 13.72 -5.03
C ASP A 19 0.61 14.77 -5.94
N HIS A 20 1.54 15.57 -5.40
CA HIS A 20 2.37 16.47 -6.19
C HIS A 20 3.76 15.85 -6.31
N LEU A 21 4.10 15.34 -7.49
CA LEU A 21 5.33 14.60 -7.71
C LEU A 21 6.33 15.41 -8.52
N MET A 22 7.54 15.49 -7.99
CA MET A 22 8.62 16.30 -8.56
C MET A 22 9.86 15.42 -8.71
N ARG A 23 10.73 15.80 -9.64
CA ARG A 23 11.98 15.08 -9.85
C ARG A 23 13.16 16.00 -9.56
N PHE A 24 14.13 15.47 -8.79
CA PHE A 24 15.42 16.10 -8.59
C PHE A 24 16.43 15.43 -9.50
N PRO A 25 17.09 16.16 -10.47
CA PRO A 25 18.03 15.49 -11.38
C PRO A 25 19.40 15.26 -10.80
N GLY A 26 19.48 14.98 -9.51
CA GLY A 26 20.72 14.55 -8.91
C GLY A 26 20.45 13.39 -7.97
N ARG A 27 21.35 13.18 -7.02
CA ARG A 27 21.29 12.05 -6.12
C ARG A 27 21.20 12.57 -4.70
N PHE A 28 20.15 12.18 -3.99
CA PHE A 28 20.03 12.58 -2.59
C PHE A 28 21.24 12.13 -1.79
N SER A 29 21.70 10.90 -2.03
CA SER A 29 22.78 10.32 -1.23
C SER A 29 24.05 11.15 -1.32
N GLU A 30 24.34 11.71 -2.49
CA GLU A 30 25.53 12.55 -2.63
C GLU A 30 25.44 13.79 -1.73
N GLN A 31 24.23 14.32 -1.53
CA GLN A 31 24.06 15.48 -0.66
C GLN A 31 23.94 15.08 0.81
N LEU A 32 23.67 13.80 1.09
CA LEU A 32 23.55 13.34 2.46
C LEU A 32 24.94 13.02 2.98
N LEU A 33 25.44 13.86 3.87
CA LEU A 33 26.76 13.62 4.45
C LEU A 33 26.58 12.89 5.77
N PRO A 34 27.07 11.65 5.91
CA PRO A 34 26.88 10.93 7.18
C PRO A 34 27.24 11.79 8.40
N GLU A 35 28.36 12.49 8.29
CA GLU A 35 28.80 13.39 9.34
C GLU A 35 27.69 14.33 9.80
N HIS A 36 26.76 14.68 8.92
CA HIS A 36 25.77 15.71 9.23
C HIS A 36 24.35 15.17 9.37
N LEU A 37 24.15 13.86 9.47
CA LEU A 37 22.75 13.41 9.52
C LEU A 37 22.02 13.87 10.77
N HIS A 38 22.73 14.31 11.80
CA HIS A 38 22.08 14.76 13.02
C HIS A 38 21.22 15.99 12.79
N LYS A 39 21.53 16.76 11.76
CA LYS A 39 20.74 17.96 11.49
C LYS A 39 20.92 18.38 10.04
N VAL A 40 20.17 17.75 9.15
CA VAL A 40 20.25 18.10 7.75
C VAL A 40 19.68 19.49 7.50
N SER A 41 20.15 20.13 6.44
CA SER A 41 19.53 21.34 5.90
C SER A 41 19.64 21.18 4.39
N LEU A 42 18.54 20.76 3.78
CA LEU A 42 18.53 20.25 2.42
C LEU A 42 17.36 20.86 1.67
N SER A 43 17.63 21.44 0.50
CA SER A 43 16.55 21.93 -0.36
C SER A 43 16.90 21.62 -1.82
N PHE A 44 16.06 20.82 -2.45
CA PHE A 44 16.31 20.30 -3.79
C PHE A 44 15.56 21.12 -4.83
N LEU A 45 16.30 21.69 -5.77
CA LEU A 45 15.74 22.36 -6.93
C LEU A 45 15.27 21.32 -7.93
N VAL A 46 13.98 21.32 -8.24
CA VAL A 46 13.39 20.25 -9.05
C VAL A 46 13.15 20.74 -10.47
N ASP A 47 12.97 19.77 -11.38
CA ASP A 47 12.85 19.98 -12.83
C ASP A 47 11.42 20.01 -13.28
N ASP A 48 10.53 19.49 -12.46
CA ASP A 48 9.28 18.91 -12.92
C ASP A 48 8.34 18.91 -11.72
N LEU A 49 7.05 19.11 -12.01
CA LEU A 49 6.01 18.99 -11.01
C LEU A 49 4.73 18.56 -11.73
N VAL A 50 4.17 17.41 -11.33
CA VAL A 50 2.94 16.91 -11.88
C VAL A 50 2.02 16.45 -10.75
N MET A 51 0.72 16.54 -10.97
CA MET A 51 -0.27 16.22 -9.96
C MET A 51 -1.08 15.01 -10.39
N HIS A 52 -1.35 14.13 -9.42
CA HIS A 52 -1.98 12.83 -9.67
C HIS A 52 -2.85 12.45 -8.48
N ARG A 53 -3.81 11.56 -8.73
CA ARG A 53 -4.58 10.97 -7.64
C ARG A 53 -3.71 10.03 -6.80
N GLY A 54 -3.89 10.06 -5.49
CA GLY A 54 -3.10 9.22 -4.61
C GLY A 54 -3.72 8.95 -3.27
N GLY A 55 -2.85 8.72 -2.30
CA GLY A 55 -3.23 8.13 -1.03
C GLY A 55 -3.03 6.63 -1.09
N VAL A 56 -2.49 5.98 -0.05
CA VAL A 56 -2.22 4.55 -0.16
C VAL A 56 -3.51 3.79 -0.37
N ALA A 57 -4.58 4.22 0.29
CA ALA A 57 -5.83 3.48 0.17
C ALA A 57 -6.47 3.70 -1.19
N GLY A 58 -6.47 4.93 -1.70
CA GLY A 58 -6.91 5.14 -3.08
C GLY A 58 -6.12 4.31 -4.07
N ASN A 59 -4.79 4.30 -3.96
CA ASN A 59 -3.95 3.53 -4.88
C ASN A 59 -4.28 2.03 -4.83
N MET A 60 -4.36 1.47 -3.62
CA MET A 60 -4.57 0.03 -3.49
C MET A 60 -5.99 -0.35 -3.92
N ALA A 61 -6.98 0.47 -3.58
CA ALA A 61 -8.35 0.19 -4.01
C ALA A 61 -8.45 0.24 -5.53
N PHE A 62 -7.87 1.28 -6.14
CA PHE A 62 -7.83 1.39 -7.59
C PHE A 62 -7.29 0.11 -8.20
N ALA A 63 -6.15 -0.35 -7.69
CA ALA A 63 -5.50 -1.51 -8.29
C ALA A 63 -6.34 -2.78 -8.14
N ILE A 64 -6.96 -2.96 -6.97
CA ILE A 64 -7.83 -4.13 -6.78
C ILE A 64 -9.00 -4.07 -7.74
N GLY A 65 -9.58 -2.88 -7.92
CA GLY A 65 -10.68 -2.73 -8.86
C GLY A 65 -10.27 -3.05 -10.29
N VAL A 66 -9.13 -2.50 -10.74
CA VAL A 66 -8.66 -2.76 -12.10
C VAL A 66 -8.51 -4.26 -12.34
N LEU A 67 -8.05 -4.98 -11.32
CA LEU A 67 -7.85 -6.42 -11.43
C LEU A 67 -9.15 -7.21 -11.32
N GLY A 68 -10.29 -6.55 -11.10
CA GLY A 68 -11.57 -7.20 -11.01
C GLY A 68 -12.02 -7.61 -9.61
N GLY A 69 -11.31 -7.20 -8.58
CA GLY A 69 -11.71 -7.60 -7.25
C GLY A 69 -12.82 -6.73 -6.68
N GLU A 70 -13.50 -7.26 -5.68
CA GLU A 70 -14.47 -6.50 -4.90
C GLU A 70 -13.73 -5.75 -3.79
N VAL A 71 -13.92 -4.45 -3.73
CA VAL A 71 -13.12 -3.64 -2.81
C VAL A 71 -13.91 -2.42 -2.36
N ALA A 72 -13.77 -2.09 -1.08
CA ALA A 72 -14.39 -0.91 -0.47
C ALA A 72 -13.29 -0.02 0.10
N LEU A 73 -13.29 1.23 -0.32
CA LEU A 73 -12.37 2.24 0.16
C LEU A 73 -12.91 2.89 1.42
N VAL A 74 -12.11 2.94 2.48
CA VAL A 74 -12.54 3.47 3.77
C VAL A 74 -11.51 4.48 4.24
N GLY A 75 -11.85 5.75 4.17
CA GLY A 75 -10.92 6.81 4.53
C GLY A 75 -11.66 8.12 4.49
N ALA A 76 -10.95 9.20 4.82
CA ALA A 76 -11.54 10.55 4.90
C ALA A 76 -10.93 11.48 3.86
N ALA A 77 -11.81 12.24 3.20
CA ALA A 77 -11.43 13.16 2.14
C ALA A 77 -12.21 14.45 2.31
N GLY A 78 -11.82 15.45 1.51
CA GLY A 78 -12.52 16.72 1.48
C GLY A 78 -13.65 16.73 0.46
N ALA A 79 -14.34 17.86 0.39
CA ALA A 79 -15.53 17.97 -0.46
C ALA A 79 -15.20 17.82 -1.94
N ASP A 80 -13.95 18.02 -2.33
CA ASP A 80 -13.52 17.78 -3.71
C ASP A 80 -13.58 16.30 -4.10
N PHE A 81 -13.83 15.42 -3.13
CA PHE A 81 -13.72 14.01 -3.39
C PHE A 81 -14.69 13.52 -4.44
N ALA A 82 -15.75 14.28 -4.73
CA ALA A 82 -16.73 13.81 -5.71
C ALA A 82 -16.04 13.41 -7.00
N ASP A 83 -15.04 14.19 -7.42
CA ASP A 83 -14.47 13.87 -8.72
C ASP A 83 -13.61 12.62 -8.65
N TYR A 84 -12.82 12.51 -7.58
CA TYR A 84 -11.98 11.34 -7.37
C TYR A 84 -12.86 10.12 -7.23
N ARG A 85 -14.04 10.31 -6.64
CA ARG A 85 -14.95 9.17 -6.48
C ARG A 85 -15.36 8.61 -7.83
N ASP A 86 -15.65 9.49 -8.79
CA ASP A 86 -16.07 9.03 -10.10
C ASP A 86 -14.95 8.24 -10.76
N TRP A 87 -13.72 8.70 -10.59
CA TRP A 87 -12.57 7.99 -11.14
C TRP A 87 -12.48 6.60 -10.54
N LEU A 88 -12.65 6.49 -9.22
CA LEU A 88 -12.52 5.17 -8.60
C LEU A 88 -13.71 4.30 -8.91
N LYS A 89 -14.90 4.91 -9.03
CA LYS A 89 -16.04 4.10 -9.35
C LYS A 89 -15.91 3.56 -10.77
N ALA A 90 -15.13 4.24 -11.60
CA ALA A 90 -14.98 3.77 -12.96
C ALA A 90 -14.24 2.43 -13.00
N ARG A 91 -13.55 2.06 -11.92
CA ARG A 91 -12.90 0.76 -11.86
C ARG A 91 -13.56 -0.19 -10.87
N GLY A 92 -14.78 0.11 -10.44
CA GLY A 92 -15.53 -0.80 -9.60
C GLY A 92 -15.24 -0.68 -8.10
N VAL A 93 -14.61 0.39 -7.65
CA VAL A 93 -14.37 0.61 -6.23
C VAL A 93 -15.64 1.11 -5.56
N ASN A 94 -16.01 0.47 -4.43
CA ASN A 94 -17.10 0.94 -3.59
C ASN A 94 -16.59 2.07 -2.69
N CYS A 95 -17.14 3.27 -2.87
CA CYS A 95 -16.72 4.48 -2.16
C CYS A 95 -17.77 4.96 -1.17
N ASP A 96 -18.74 4.11 -0.84
CA ASP A 96 -19.85 4.54 -0.02
C ASP A 96 -19.42 4.92 1.38
N HIS A 97 -18.26 4.41 1.84
CA HIS A 97 -17.85 4.57 3.22
C HIS A 97 -16.68 5.52 3.37
N VAL A 98 -16.43 6.34 2.35
CA VAL A 98 -15.50 7.45 2.46
C VAL A 98 -16.19 8.55 3.26
N LEU A 99 -15.52 9.05 4.30
CA LEU A 99 -16.04 10.17 5.07
C LEU A 99 -15.65 11.46 4.35
N ILE A 100 -16.63 12.30 4.07
CA ILE A 100 -16.40 13.56 3.37
C ILE A 100 -16.43 14.70 4.38
N SER A 101 -15.29 15.38 4.54
CA SER A 101 -15.24 16.43 5.53
C SER A 101 -16.07 17.62 5.09
N GLU A 102 -16.72 18.26 6.06
CA GLU A 102 -17.48 19.47 5.81
C GLU A 102 -16.60 20.71 5.73
N THR A 103 -15.36 20.66 6.22
CA THR A 103 -14.55 21.88 6.33
C THR A 103 -13.13 21.69 5.80
N ALA A 104 -12.59 20.48 5.84
CA ALA A 104 -11.17 20.29 5.56
C ALA A 104 -10.92 19.85 4.13
N HIS A 105 -9.70 20.13 3.68
CA HIS A 105 -9.21 19.83 2.33
C HIS A 105 -8.70 18.39 2.24
N THR A 106 -8.85 17.78 1.08
CA THR A 106 -8.21 16.48 0.85
C THR A 106 -6.70 16.59 1.06
N ALA A 107 -6.12 15.55 1.67
CA ALA A 107 -4.72 15.52 2.02
C ALA A 107 -3.81 15.81 0.81
N ARG A 108 -2.61 16.34 1.09
CA ARG A 108 -1.64 16.72 0.07
C ARG A 108 -0.28 16.07 0.32
N PHE A 109 0.18 15.28 -0.66
CA PHE A 109 1.50 14.65 -0.69
C PHE A 109 2.38 15.44 -1.65
N THR A 110 3.54 15.89 -1.15
CA THR A 110 4.50 16.67 -1.95
C THR A 110 5.79 15.89 -1.91
N CYS A 111 6.23 15.39 -3.06
CA CYS A 111 7.23 14.35 -3.08
C CYS A 111 8.27 14.69 -4.13
N THR A 112 9.53 14.47 -3.76
CA THR A 112 10.66 14.63 -4.66
C THR A 112 11.37 13.29 -4.81
N THR A 113 11.59 12.89 -6.06
CA THR A 113 12.28 11.65 -6.41
C THR A 113 13.57 12.01 -7.12
N ASP A 114 14.66 11.36 -6.72
CA ASP A 114 15.96 11.62 -7.30
C ASP A 114 16.25 10.58 -8.39
N VAL A 115 17.47 10.61 -8.93
CA VAL A 115 17.78 9.76 -10.07
C VAL A 115 17.95 8.30 -9.69
N ASP A 116 18.14 7.99 -8.41
CA ASP A 116 18.24 6.61 -7.93
C ASP A 116 16.91 6.09 -7.38
N MET A 117 15.81 6.80 -7.64
CA MET A 117 14.47 6.48 -7.13
C MET A 117 14.36 6.63 -5.61
N ALA A 118 15.30 7.28 -4.96
CA ALA A 118 15.06 7.64 -3.57
C ALA A 118 13.98 8.71 -3.53
N GLN A 119 13.26 8.79 -2.40
CA GLN A 119 12.15 9.71 -2.27
C GLN A 119 12.15 10.41 -0.92
N ILE A 120 11.81 11.69 -0.94
CA ILE A 120 11.68 12.49 0.26
C ILE A 120 10.44 13.36 0.10
N ALA A 121 9.54 13.29 1.08
CA ALA A 121 8.21 13.86 0.90
C ALA A 121 7.66 14.41 2.22
N SER A 122 6.72 15.34 2.08
CA SER A 122 5.84 15.76 3.16
C SER A 122 4.42 15.27 2.89
N PHE A 123 3.64 15.14 3.96
CA PHE A 123 2.23 14.76 3.83
C PHE A 123 1.40 15.61 4.76
N TYR A 124 0.55 16.46 4.18
CA TYR A 124 -0.29 17.37 4.93
C TYR A 124 -1.66 16.72 5.08
N PRO A 125 -2.11 16.39 6.29
CA PRO A 125 -3.28 15.51 6.39
C PRO A 125 -4.60 16.14 5.99
N GLY A 126 -4.87 17.38 6.37
CA GLY A 126 -6.18 17.94 6.15
C GLY A 126 -7.30 16.99 6.61
N ALA A 127 -8.22 16.70 5.69
CA ALA A 127 -9.38 15.88 6.04
C ALA A 127 -9.00 14.48 6.51
N MET A 128 -7.78 14.04 6.19
CA MET A 128 -7.38 12.70 6.62
C MET A 128 -7.53 12.56 8.12
N SER A 129 -7.34 13.64 8.87
CA SER A 129 -7.37 13.51 10.32
C SER A 129 -8.74 13.06 10.81
N GLU A 130 -9.78 13.24 10.00
CA GLU A 130 -11.13 12.84 10.38
C GLU A 130 -11.35 11.34 10.24
N ALA A 131 -10.41 10.59 9.70
CA ALA A 131 -10.60 9.14 9.60
C ALA A 131 -10.79 8.50 10.96
N ARG A 132 -10.29 9.14 12.03
CA ARG A 132 -10.46 8.59 13.36
C ARG A 132 -11.92 8.52 13.77
N ASN A 133 -12.81 9.20 13.05
CA ASN A 133 -14.23 9.20 13.33
C ASN A 133 -14.98 8.13 12.55
N ILE A 134 -14.28 7.40 11.67
CA ILE A 134 -14.91 6.30 10.91
C ILE A 134 -14.99 5.07 11.79
N LYS A 135 -16.15 4.41 11.80
CA LYS A 135 -16.36 3.17 12.51
C LYS A 135 -16.42 2.05 11.49
N LEU A 136 -15.42 1.15 11.54
CA LEU A 136 -15.48 -0.02 10.68
C LEU A 136 -16.72 -0.86 10.96
N ALA A 137 -17.21 -0.85 12.21
CA ALA A 137 -18.43 -1.58 12.52
C ALA A 137 -19.57 -1.19 11.58
N ASP A 138 -19.65 0.09 11.21
CA ASP A 138 -20.71 0.55 10.30
C ASP A 138 -20.49 0.03 8.89
N VAL A 139 -19.23 0.00 8.46
CA VAL A 139 -18.90 -0.58 7.16
C VAL A 139 -19.36 -2.02 7.11
N VAL A 140 -19.00 -2.79 8.13
CA VAL A 140 -19.33 -4.22 8.18
C VAL A 140 -20.84 -4.40 8.20
N SER A 141 -21.52 -3.57 8.98
CA SER A 141 -22.98 -3.62 8.98
C SER A 141 -23.54 -3.47 7.58
N ALA A 142 -22.98 -2.56 6.78
CA ALA A 142 -23.55 -2.31 5.46
C ALA A 142 -23.17 -3.37 4.43
N ILE A 143 -21.93 -3.83 4.40
CA ILE A 143 -21.47 -4.70 3.32
C ILE A 143 -21.22 -6.14 3.75
N GLY A 144 -21.24 -6.43 5.05
CA GLY A 144 -20.85 -7.75 5.52
C GLY A 144 -19.40 -7.75 5.96
N LYS A 145 -18.97 -8.90 6.51
CA LYS A 145 -17.60 -9.01 7.01
C LYS A 145 -16.65 -9.09 5.82
N PRO A 146 -15.66 -8.22 5.71
CA PRO A 146 -14.67 -8.38 4.64
C PRO A 146 -13.80 -9.58 4.89
N GLU A 147 -13.25 -10.11 3.80
CA GLU A 147 -12.23 -11.13 3.87
C GLU A 147 -10.99 -10.61 4.59
N LEU A 148 -10.66 -9.34 4.37
CA LEU A 148 -9.43 -8.73 4.87
C LEU A 148 -9.62 -7.22 4.92
N VAL A 149 -9.11 -6.62 6.00
CA VAL A 149 -9.02 -5.16 6.14
C VAL A 149 -7.56 -4.78 6.05
N ILE A 150 -7.22 -3.91 5.12
CA ILE A 150 -5.87 -3.38 5.05
C ILE A 150 -5.80 -2.12 5.88
N ILE A 151 -4.84 -2.08 6.82
CA ILE A 151 -4.62 -0.95 7.69
C ILE A 151 -3.44 -0.19 7.12
N GLY A 152 -3.70 0.67 6.15
CA GLY A 152 -2.67 1.45 5.53
C GLY A 152 -2.35 2.72 6.29
N ALA A 153 -1.29 3.39 5.84
CA ALA A 153 -0.91 4.68 6.41
C ALA A 153 -2.10 5.64 6.37
N ASN A 154 -2.37 6.28 7.52
CA ASN A 154 -3.60 7.01 7.78
C ASN A 154 -3.32 8.02 8.89
N ASP A 155 -4.34 8.77 9.27
CA ASP A 155 -4.35 9.45 10.55
C ASP A 155 -3.80 8.50 11.61
N PRO A 156 -2.78 8.86 12.36
CA PRO A 156 -2.20 7.91 13.31
C PRO A 156 -3.20 7.27 14.27
N GLU A 157 -4.06 8.10 14.88
CA GLU A 157 -5.06 7.54 15.78
C GLU A 157 -5.96 6.56 15.05
N ALA A 158 -6.39 6.92 13.84
CA ALA A 158 -7.24 6.03 13.06
C ALA A 158 -6.57 4.69 12.82
N MET A 159 -5.26 4.69 12.53
CA MET A 159 -4.59 3.42 12.29
C MET A 159 -4.81 2.48 13.48
N PHE A 160 -4.67 3.03 14.70
CA PHE A 160 -4.86 2.16 15.85
C PHE A 160 -6.33 1.80 16.07
N LEU A 161 -7.24 2.78 15.96
CA LEU A 161 -8.65 2.50 16.18
C LEU A 161 -9.16 1.43 15.22
N HIS A 162 -8.77 1.53 13.94
CA HIS A 162 -9.18 0.55 12.94
C HIS A 162 -8.63 -0.82 13.29
N THR A 163 -7.36 -0.89 13.73
CA THR A 163 -6.80 -2.18 14.08
C THR A 163 -7.53 -2.80 15.26
N GLU A 164 -7.85 -1.98 16.28
CA GLU A 164 -8.58 -2.45 17.45
C GLU A 164 -9.97 -2.94 17.05
N GLU A 165 -10.64 -2.22 16.15
CA GLU A 165 -11.95 -2.64 15.70
C GLU A 165 -11.87 -3.98 14.99
N CYS A 166 -10.84 -4.19 14.16
CA CYS A 166 -10.70 -5.50 13.51
C CYS A 166 -10.50 -6.59 14.55
N ARG A 167 -9.69 -6.30 15.56
CA ARG A 167 -9.44 -7.30 16.61
C ARG A 167 -10.71 -7.62 17.36
N LYS A 168 -11.48 -6.62 17.76
CA LYS A 168 -12.66 -6.94 18.55
C LYS A 168 -13.74 -7.57 17.68
N LEU A 169 -13.79 -7.23 16.38
CA LEU A 169 -14.76 -7.81 15.47
C LEU A 169 -14.30 -9.12 14.82
N GLY A 170 -13.08 -9.57 15.10
CA GLY A 170 -12.62 -10.82 14.51
C GLY A 170 -12.38 -10.75 13.02
N LEU A 171 -12.00 -9.58 12.50
CA LEU A 171 -11.68 -9.42 11.09
C LEU A 171 -10.18 -9.61 10.86
N ALA A 172 -9.83 -10.40 9.84
CA ALA A 172 -8.45 -10.51 9.43
C ALA A 172 -7.97 -9.16 8.92
N PHE A 173 -6.78 -8.74 9.34
CA PHE A 173 -6.24 -7.48 8.91
C PHE A 173 -4.78 -7.61 8.48
N ALA A 174 -4.38 -6.68 7.62
CA ALA A 174 -3.00 -6.55 7.17
C ALA A 174 -2.44 -5.26 7.73
N ALA A 175 -1.38 -5.36 8.50
CA ALA A 175 -0.68 -4.19 9.02
C ALA A 175 0.22 -3.67 7.89
N ASP A 176 -0.05 -2.43 7.46
CA ASP A 176 0.61 -1.84 6.29
C ASP A 176 0.94 -0.38 6.60
N PRO A 177 1.74 -0.14 7.63
CA PRO A 177 1.96 1.24 8.09
C PRO A 177 2.85 2.08 7.18
N SER A 178 3.60 1.46 6.27
CA SER A 178 4.55 2.08 5.37
C SER A 178 5.07 3.43 5.86
N GLN A 179 4.61 4.51 5.24
CA GLN A 179 5.26 5.81 5.42
C GLN A 179 5.09 6.33 6.84
N GLN A 180 3.98 6.01 7.48
CA GLN A 180 3.83 6.58 8.80
C GLN A 180 4.79 6.03 9.79
N LEU A 181 5.61 5.02 9.45
CA LEU A 181 6.55 4.58 10.48
C LEU A 181 7.43 5.73 10.92
N ALA A 182 7.59 6.75 10.07
CA ALA A 182 8.40 7.89 10.47
C ALA A 182 7.72 8.72 11.56
N ARG A 183 6.39 8.83 11.50
CA ARG A 183 5.66 9.66 12.43
C ARG A 183 5.30 8.93 13.72
N LEU A 184 5.06 7.62 13.64
CA LEU A 184 4.58 6.85 14.78
C LEU A 184 5.71 6.56 15.77
N SER A 185 5.39 6.69 17.05
CA SER A 185 6.34 6.29 18.09
C SER A 185 6.49 4.77 18.11
N GLY A 186 7.53 4.29 18.82
CA GLY A 186 7.71 2.86 18.99
C GLY A 186 6.49 2.19 19.59
N GLU A 187 5.90 2.80 20.61
CA GLU A 187 4.69 2.25 21.24
C GLU A 187 3.53 2.19 20.25
N GLU A 188 3.39 3.26 19.45
CA GLU A 188 2.32 3.33 18.46
C GLU A 188 2.52 2.32 17.36
N ILE A 189 3.77 2.02 17.01
CA ILE A 189 4.02 0.99 16.02
C ILE A 189 3.70 -0.38 16.61
N ARG A 190 4.19 -0.67 17.83
CA ARG A 190 4.00 -2.00 18.40
C ARG A 190 2.54 -2.38 18.53
N ARG A 191 1.66 -1.42 18.81
CA ARG A 191 0.25 -1.81 19.00
C ARG A 191 -0.51 -2.05 17.70
N LEU A 192 0.16 -2.00 16.55
CA LEU A 192 -0.50 -2.23 15.28
C LEU A 192 -0.25 -3.63 14.73
N VAL A 193 0.63 -4.42 15.36
CA VAL A 193 1.19 -5.58 14.69
C VAL A 193 0.55 -6.89 15.16
N ASN A 194 0.16 -7.00 16.43
CA ASN A 194 -0.20 -8.31 16.96
C ASN A 194 -1.45 -8.85 16.30
N GLY A 195 -1.39 -10.10 15.86
CA GLY A 195 -2.50 -10.76 15.24
C GLY A 195 -2.65 -10.51 13.76
N ALA A 196 -1.76 -9.72 13.16
CA ALA A 196 -1.87 -9.42 11.75
C ALA A 196 -1.73 -10.67 10.90
N ALA A 197 -2.64 -10.81 9.94
CA ALA A 197 -2.50 -11.87 8.96
C ALA A 197 -1.32 -11.62 8.03
N TYR A 198 -0.99 -10.36 7.80
CA TYR A 198 0.14 -9.96 6.98
C TYR A 198 0.72 -8.70 7.58
N LEU A 199 2.06 -8.60 7.58
CA LEU A 199 2.75 -7.34 7.80
C LEU A 199 3.51 -7.00 6.54
N PHE A 200 3.20 -5.84 5.94
CA PHE A 200 3.84 -5.36 4.73
C PHE A 200 4.81 -4.22 5.06
N THR A 201 6.01 -4.28 4.51
CA THR A 201 6.90 -3.12 4.50
C THR A 201 7.84 -3.27 3.32
N ASN A 202 8.55 -2.18 3.02
CA ASN A 202 9.76 -2.30 2.23
C ASN A 202 10.95 -2.51 3.18
N ASP A 203 12.13 -2.76 2.63
CA ASP A 203 13.26 -3.16 3.47
C ASP A 203 13.68 -2.05 4.42
N TYR A 204 13.71 -0.82 3.93
CA TYR A 204 14.03 0.32 4.78
C TYR A 204 13.07 0.39 5.95
N GLU A 205 11.78 0.29 5.65
CA GLU A 205 10.76 0.37 6.68
C GLU A 205 10.85 -0.79 7.66
N TRP A 206 11.27 -1.96 7.21
CA TRP A 206 11.42 -3.09 8.13
C TRP A 206 12.50 -2.78 9.16
N ASP A 207 13.67 -2.30 8.68
CA ASP A 207 14.70 -1.90 9.63
C ASP A 207 14.23 -0.76 10.53
N LEU A 208 13.46 0.18 9.98
CA LEU A 208 13.00 1.29 10.80
C LEU A 208 12.05 0.81 11.90
N LEU A 209 11.10 -0.06 11.54
CA LEU A 209 10.18 -0.64 12.50
C LEU A 209 10.93 -1.40 13.60
N LEU A 210 11.94 -2.20 13.22
CA LEU A 210 12.71 -2.89 14.24
C LEU A 210 13.44 -1.91 15.13
N SER A 211 13.99 -0.85 14.53
CA SER A 211 14.75 0.14 15.28
C SER A 211 13.87 0.85 16.30
N LYS A 212 12.68 1.28 15.88
CA LYS A 212 11.83 2.10 16.74
C LYS A 212 11.02 1.29 17.74
N THR A 213 10.66 0.04 17.41
CA THR A 213 9.97 -0.81 18.37
C THR A 213 10.92 -1.43 19.40
N GLY A 214 12.21 -1.49 19.08
CA GLY A 214 13.14 -2.26 19.87
C GLY A 214 12.99 -3.75 19.73
N TRP A 215 12.13 -4.22 18.84
CA TRP A 215 11.91 -5.65 18.64
C TRP A 215 13.00 -6.28 17.79
N SER A 216 13.23 -7.56 18.03
CA SER A 216 13.96 -8.42 17.12
C SER A 216 13.00 -8.97 16.07
N GLU A 217 13.56 -9.54 15.00
CA GLU A 217 12.71 -10.17 13.99
C GLU A 217 11.86 -11.27 14.61
N ALA A 218 12.44 -12.07 15.52
CA ALA A 218 11.69 -13.12 16.19
C ALA A 218 10.52 -12.56 16.99
N ASP A 219 10.69 -11.40 17.61
CA ASP A 219 9.58 -10.80 18.35
C ASP A 219 8.40 -10.53 17.43
N VAL A 220 8.69 -10.11 16.19
CA VAL A 220 7.63 -9.80 15.24
C VAL A 220 7.01 -11.08 14.70
N MET A 221 7.84 -12.06 14.33
CA MET A 221 7.32 -13.24 13.65
C MET A 221 6.42 -14.05 14.57
N ALA A 222 6.62 -13.95 15.88
CA ALA A 222 5.78 -14.63 16.85
C ALA A 222 4.34 -14.14 16.86
N GLN A 223 4.06 -12.96 16.30
CA GLN A 223 2.73 -12.38 16.47
C GLN A 223 2.03 -12.10 15.15
N ILE A 224 2.61 -12.51 14.01
CA ILE A 224 1.96 -12.33 12.72
C ILE A 224 1.96 -13.67 11.97
N ASP A 225 1.08 -13.76 10.97
CA ASP A 225 0.98 -14.96 10.15
C ASP A 225 1.96 -14.95 8.99
N LEU A 226 2.35 -13.78 8.49
CA LEU A 226 3.26 -13.72 7.36
C LEU A 226 3.88 -12.32 7.32
N ARG A 227 5.19 -12.26 7.06
CA ARG A 227 5.88 -11.00 6.84
C ARG A 227 6.18 -10.88 5.35
N VAL A 228 5.86 -9.73 4.77
CA VAL A 228 6.09 -9.48 3.36
C VAL A 228 6.94 -8.22 3.27
N THR A 229 8.17 -8.38 2.80
CA THR A 229 9.16 -7.32 2.77
C THR A 229 9.64 -7.16 1.34
N THR A 230 9.36 -6.00 0.75
CA THR A 230 9.82 -5.74 -0.61
C THR A 230 11.25 -5.21 -0.56
N LEU A 231 12.02 -5.54 -1.61
CA LEU A 231 13.48 -5.40 -1.56
C LEU A 231 14.01 -4.60 -2.73
N GLY A 232 13.28 -3.56 -3.16
CA GLY A 232 13.65 -2.83 -4.35
C GLY A 232 13.97 -3.76 -5.52
N PRO A 233 15.14 -3.61 -6.14
CA PRO A 233 15.43 -4.41 -7.35
C PRO A 233 15.62 -5.90 -7.09
N LYS A 234 15.62 -6.33 -5.83
CA LYS A 234 15.78 -7.73 -5.49
C LYS A 234 14.44 -8.42 -5.22
N GLY A 235 13.31 -7.74 -5.43
CA GLY A 235 12.02 -8.42 -5.40
C GLY A 235 11.38 -8.35 -4.03
N VAL A 236 10.89 -9.49 -3.54
CA VAL A 236 10.13 -9.54 -2.30
C VAL A 236 10.41 -10.86 -1.59
N ASP A 237 10.50 -10.78 -0.26
CA ASP A 237 10.57 -11.93 0.63
C ASP A 237 9.23 -12.12 1.33
N LEU A 238 8.77 -13.38 1.38
CA LEU A 238 7.54 -13.76 2.07
C LEU A 238 7.96 -14.80 3.11
N VAL A 239 7.87 -14.41 4.39
CA VAL A 239 8.48 -15.18 5.47
C VAL A 239 7.40 -15.61 6.43
N GLU A 240 7.39 -16.89 6.77
CA GLU A 240 6.41 -17.45 7.67
C GLU A 240 6.97 -17.51 9.09
N PRO A 241 6.09 -17.67 10.09
CA PRO A 241 6.58 -17.64 11.49
C PRO A 241 7.65 -18.69 11.75
N ASP A 242 7.54 -19.88 11.12
CA ASP A 242 8.54 -20.93 11.29
C ASP A 242 9.80 -20.69 10.49
N GLY A 243 9.97 -19.51 9.88
CA GLY A 243 11.18 -19.14 9.18
C GLY A 243 11.19 -19.44 7.70
N THR A 244 10.31 -20.30 7.22
CA THR A 244 10.26 -20.63 5.79
C THR A 244 10.11 -19.36 4.96
N THR A 245 11.10 -19.07 4.13
CA THR A 245 11.13 -17.86 3.30
C THR A 245 10.95 -18.23 1.84
N ILE A 246 10.01 -17.59 1.18
CA ILE A 246 9.80 -17.67 -0.26
C ILE A 246 10.22 -16.34 -0.86
N HIS A 247 11.09 -16.37 -1.86
CA HIS A 247 11.57 -15.15 -2.48
C HIS A 247 11.12 -15.11 -3.93
N VAL A 248 10.75 -13.92 -4.39
CA VAL A 248 10.29 -13.69 -5.75
C VAL A 248 11.01 -12.46 -6.27
N GLY A 249 11.74 -12.62 -7.36
CA GLY A 249 12.40 -11.49 -8.00
C GLY A 249 11.42 -10.64 -8.78
N VAL A 250 11.89 -9.46 -9.19
CA VAL A 250 11.05 -8.45 -9.84
C VAL A 250 10.69 -8.90 -11.24
N VAL A 251 9.69 -8.25 -11.82
CA VAL A 251 9.52 -8.27 -13.27
C VAL A 251 10.46 -7.23 -13.89
N PRO A 252 11.31 -7.61 -14.85
CA PRO A 252 12.21 -6.62 -15.44
C PRO A 252 11.45 -5.44 -16.00
N GLU A 253 11.87 -4.23 -15.62
CA GLU A 253 11.23 -3.02 -16.10
C GLU A 253 11.90 -2.51 -17.37
N THR A 254 11.10 -1.85 -18.21
CA THR A 254 11.62 -1.16 -19.39
C THR A 254 12.05 0.26 -19.08
N SER A 255 11.36 0.93 -18.16
CA SER A 255 11.77 2.24 -17.72
C SER A 255 11.63 2.32 -16.21
N GLN A 256 12.40 3.22 -15.62
CA GLN A 256 12.28 3.56 -14.21
C GLN A 256 11.75 4.99 -14.19
N THR A 257 10.42 5.13 -14.26
CA THR A 257 9.82 6.43 -14.47
C THR A 257 9.49 7.15 -13.17
N ASP A 258 8.83 6.44 -12.23
CA ASP A 258 8.39 7.05 -10.99
C ASP A 258 7.96 5.94 -10.03
N PRO A 259 8.62 5.79 -8.88
CA PRO A 259 8.34 4.65 -8.00
C PRO A 259 7.15 4.86 -7.06
N THR A 260 6.54 6.05 -7.08
CA THR A 260 5.43 6.31 -6.16
C THR A 260 4.33 5.28 -6.37
N GLY A 261 3.90 4.64 -5.28
CA GLY A 261 2.80 3.71 -5.37
C GLY A 261 3.13 2.32 -5.88
N VAL A 262 4.41 2.03 -6.15
CA VAL A 262 4.81 0.69 -6.57
C VAL A 262 4.52 -0.32 -5.46
N GLY A 263 4.78 0.04 -4.21
CA GLY A 263 4.47 -0.87 -3.13
C GLY A 263 2.98 -1.10 -2.98
N ASP A 264 2.20 -0.02 -3.15
CA ASP A 264 0.75 -0.10 -3.11
C ASP A 264 0.23 -1.06 -4.18
N ALA A 265 0.79 -0.98 -5.39
CA ALA A 265 0.37 -1.85 -6.46
C ALA A 265 0.77 -3.30 -6.16
N PHE A 266 1.96 -3.52 -5.61
CA PHE A 266 2.36 -4.88 -5.26
C PHE A 266 1.36 -5.46 -4.27
N ARG A 267 1.08 -4.70 -3.21
CA ARG A 267 0.13 -5.16 -2.19
C ARG A 267 -1.22 -5.50 -2.80
N ALA A 268 -1.75 -4.64 -3.67
CA ALA A 268 -3.04 -4.90 -4.29
C ALA A 268 -3.02 -6.18 -5.12
N GLY A 269 -1.99 -6.35 -5.96
CA GLY A 269 -1.93 -7.55 -6.78
C GLY A 269 -1.75 -8.81 -5.95
N PHE A 270 -0.89 -8.73 -4.94
CA PHE A 270 -0.63 -9.88 -4.09
C PHE A 270 -1.89 -10.30 -3.35
N LEU A 271 -2.57 -9.33 -2.73
CA LEU A 271 -3.79 -9.64 -1.99
C LEU A 271 -4.90 -10.11 -2.92
N THR A 272 -4.97 -9.59 -4.15
CA THR A 272 -5.92 -10.10 -5.13
C THR A 272 -5.65 -11.57 -5.44
N GLY A 273 -4.38 -11.90 -5.67
CA GLY A 273 -4.02 -13.29 -5.91
C GLY A 273 -4.34 -14.18 -4.72
N ARG A 274 -4.12 -13.69 -3.51
CA ARG A 274 -4.41 -14.48 -2.32
C ARG A 274 -5.91 -14.70 -2.16
N SER A 275 -6.70 -13.65 -2.40
CA SER A 275 -8.14 -13.78 -2.36
C SER A 275 -8.62 -14.76 -3.40
N ALA A 276 -7.91 -14.85 -4.51
CA ALA A 276 -8.28 -15.73 -5.61
C ALA A 276 -7.73 -17.16 -5.46
N GLY A 277 -7.22 -17.50 -4.27
CA GLY A 277 -6.75 -18.85 -4.03
C GLY A 277 -5.33 -19.16 -4.49
N LEU A 278 -4.60 -18.18 -4.98
CA LEU A 278 -3.22 -18.44 -5.41
C LEU A 278 -2.30 -18.55 -4.19
N GLY A 279 -1.24 -19.32 -4.34
CA GLY A 279 -0.24 -19.44 -3.30
C GLY A 279 0.61 -18.19 -3.15
N LEU A 280 1.52 -18.26 -2.17
CA LEU A 280 2.36 -17.11 -1.84
C LEU A 280 3.22 -16.69 -3.04
N GLU A 281 3.87 -17.65 -3.70
CA GLU A 281 4.76 -17.30 -4.80
C GLU A 281 3.99 -16.74 -5.98
N ARG A 282 2.88 -17.39 -6.37
CA ARG A 282 2.11 -16.90 -7.50
C ARG A 282 1.52 -15.53 -7.20
N SER A 283 1.06 -15.33 -5.96
CA SER A 283 0.52 -14.03 -5.58
C SER A 283 1.58 -12.93 -5.67
N ALA A 284 2.80 -13.22 -5.21
CA ALA A 284 3.85 -12.19 -5.28
C ALA A 284 4.31 -11.96 -6.71
N GLN A 285 4.19 -12.97 -7.59
CA GLN A 285 4.50 -12.76 -9.01
C GLN A 285 3.51 -11.79 -9.65
N LEU A 286 2.22 -12.03 -9.44
CA LEU A 286 1.20 -11.08 -9.91
C LEU A 286 1.46 -9.66 -9.34
N GLY A 287 1.67 -9.59 -8.03
CA GLY A 287 2.00 -8.31 -7.41
C GLY A 287 3.17 -7.62 -8.07
N SER A 288 4.24 -8.38 -8.39
CA SER A 288 5.43 -7.81 -9.01
C SER A 288 5.11 -7.23 -10.38
N LEU A 289 4.14 -7.82 -11.08
CA LEU A 289 3.76 -7.26 -12.37
C LEU A 289 3.06 -5.92 -12.20
N VAL A 290 2.09 -5.85 -11.28
CA VAL A 290 1.39 -4.58 -11.12
C VAL A 290 2.38 -3.50 -10.67
N ALA A 291 3.26 -3.87 -9.75
CA ALA A 291 4.33 -2.99 -9.30
C ALA A 291 5.11 -2.43 -10.48
N VAL A 292 5.55 -3.29 -11.40
CA VAL A 292 6.38 -2.77 -12.50
C VAL A 292 5.56 -1.85 -13.40
N LEU A 293 4.29 -2.19 -13.64
CA LEU A 293 3.46 -1.28 -14.45
C LEU A 293 3.33 0.10 -13.79
N VAL A 294 3.29 0.16 -12.46
CA VAL A 294 3.26 1.46 -11.81
C VAL A 294 4.62 2.13 -11.90
N LEU A 295 5.70 1.35 -11.83
CA LEU A 295 7.03 1.94 -11.92
C LEU A 295 7.24 2.59 -13.28
N GLU A 296 6.61 2.05 -14.33
CA GLU A 296 6.82 2.50 -15.71
C GLU A 296 5.84 3.58 -16.15
N SER A 297 5.02 4.08 -15.24
CA SER A 297 4.04 5.12 -15.53
C SER A 297 4.23 6.25 -14.53
N THR A 298 3.85 7.47 -14.91
CA THR A 298 3.91 8.59 -13.97
C THR A 298 2.65 8.61 -13.12
N GLY A 299 2.81 8.71 -11.82
CA GLY A 299 1.67 8.63 -10.94
C GLY A 299 1.46 7.20 -10.49
N THR A 300 0.42 7.04 -9.68
CA THR A 300 0.17 5.76 -9.03
C THR A 300 -0.96 4.97 -9.69
N GLN A 301 -1.86 5.65 -10.38
CA GLN A 301 -3.08 5.05 -10.90
C GLN A 301 -3.21 5.29 -12.39
N GLU A 302 -2.09 5.47 -13.09
CA GLU A 302 -2.09 5.86 -14.49
C GLU A 302 -1.65 4.71 -15.39
N TRP A 303 -1.90 3.48 -14.94
CA TRP A 303 -1.52 2.28 -15.65
C TRP A 303 -2.77 1.53 -16.10
N GLN A 304 -2.58 0.54 -16.98
CA GLN A 304 -3.70 -0.24 -17.52
C GLN A 304 -3.43 -1.72 -17.45
N TRP A 305 -4.53 -2.48 -17.41
CA TRP A 305 -4.49 -3.93 -17.41
C TRP A 305 -4.90 -4.43 -18.79
N ASP A 306 -3.92 -4.92 -19.54
CA ASP A 306 -4.16 -5.57 -20.84
C ASP A 306 -3.83 -7.03 -20.64
N TYR A 307 -4.86 -7.88 -20.70
CA TYR A 307 -4.71 -9.27 -20.24
C TYR A 307 -3.64 -10.02 -21.04
N GLU A 308 -3.52 -9.77 -22.35
CA GLU A 308 -2.56 -10.58 -23.11
C GLU A 308 -1.13 -10.09 -22.90
N ALA A 309 -0.93 -8.77 -22.81
CA ALA A 309 0.39 -8.26 -22.45
C ALA A 309 0.80 -8.71 -21.05
N ALA A 310 -0.16 -8.78 -20.12
CA ALA A 310 0.14 -9.27 -18.78
C ALA A 310 0.59 -10.73 -18.83
N ALA A 311 -0.18 -11.58 -19.52
CA ALA A 311 0.18 -12.98 -19.65
C ALA A 311 1.57 -13.14 -20.24
N SER A 312 1.83 -12.46 -21.36
CA SER A 312 3.13 -12.58 -22.02
C SER A 312 4.26 -12.18 -21.08
N ARG A 313 4.09 -11.06 -20.36
CA ARG A 313 5.18 -10.56 -19.52
C ARG A 313 5.40 -11.45 -18.29
N LEU A 314 4.32 -11.98 -17.72
CA LEU A 314 4.47 -12.93 -16.63
C LEU A 314 5.22 -14.18 -17.09
N ALA A 315 4.85 -14.71 -18.25
CA ALA A 315 5.56 -15.86 -18.80
C ALA A 315 7.04 -15.53 -18.98
N GLY A 316 7.32 -14.36 -19.54
CA GLY A 316 8.70 -13.96 -19.75
C GLY A 316 9.52 -13.85 -18.48
N ALA A 317 8.90 -13.49 -17.36
CA ALA A 317 9.67 -13.33 -16.12
C ALA A 317 9.71 -14.58 -15.25
N TYR A 318 8.66 -15.41 -15.28
CA TYR A 318 8.48 -16.47 -14.29
C TYR A 318 8.22 -17.84 -14.91
N GLY A 319 8.12 -17.94 -16.23
CA GLY A 319 7.76 -19.19 -16.88
C GLY A 319 6.27 -19.24 -17.21
N GLU A 320 5.93 -20.16 -18.11
CA GLU A 320 4.59 -20.21 -18.68
C GLU A 320 3.57 -20.77 -17.69
N HIS A 321 4.01 -21.62 -16.77
CA HIS A 321 3.10 -22.17 -15.77
C HIS A 321 2.51 -21.08 -14.91
N ALA A 322 3.38 -20.25 -14.33
CA ALA A 322 2.94 -19.15 -13.49
C ALA A 322 1.96 -18.24 -14.23
N ALA A 323 2.31 -17.89 -15.48
CA ALA A 323 1.47 -16.99 -16.26
C ALA A 323 0.09 -17.60 -16.50
N ALA A 324 0.05 -18.89 -16.82
CA ALA A 324 -1.22 -19.55 -17.09
C ALA A 324 -2.09 -19.54 -15.85
N GLU A 325 -1.52 -19.94 -14.72
CA GLU A 325 -2.26 -19.95 -13.44
C GLU A 325 -2.83 -18.56 -13.13
N ILE A 326 -1.95 -17.55 -13.15
CA ILE A 326 -2.31 -16.21 -12.73
C ILE A 326 -3.41 -15.64 -13.61
N VAL A 327 -3.19 -15.62 -14.93
CA VAL A 327 -4.21 -15.03 -15.79
C VAL A 327 -5.49 -15.85 -15.72
N ALA A 328 -5.37 -17.16 -15.49
CA ALA A 328 -6.54 -18.01 -15.41
C ALA A 328 -7.48 -17.54 -14.31
N VAL A 329 -6.92 -17.23 -13.14
CA VAL A 329 -7.80 -16.79 -12.05
C VAL A 329 -8.37 -15.39 -12.24
N LEU A 330 -7.91 -14.63 -13.24
CA LEU A 330 -8.47 -13.29 -13.48
C LEU A 330 -9.39 -13.28 -14.70
O2' 5N5 B . -0.41 9.90 -1.22
C2' 5N5 B . 0.79 9.21 -1.13
C3' 5N5 B . 1.05 8.27 -2.24
O3' 5N5 B . -0.04 8.27 -3.19
C4' 5N5 B . 1.20 6.89 -1.58
C5' 5N5 B . 2.33 6.04 -2.18
N5' 5N5 B . 2.51 4.80 -1.40
O4' 5N5 B . 1.49 7.15 -0.22
C1' 5N5 B . 0.78 8.35 0.15
N9 5N5 B . 1.50 8.76 1.33
C8 5N5 B . 2.76 9.19 1.31
N7 5N5 B . 3.12 9.54 2.56
C5 5N5 B . 2.04 9.34 3.38
C4 5N5 B . 1.01 8.86 2.63
N3 5N5 B . -0.19 8.56 3.22
C2 5N5 B . -0.33 8.74 4.52
N1 5N5 B . 0.61 9.20 5.31
C6 5N5 B . 1.82 9.50 4.80
N6 5N5 B . 2.84 9.97 5.66
#